data_5VJM
#
_entry.id   5VJM
#
_cell.length_a   115.942
_cell.length_b   115.942
_cell.length_c   295.757
_cell.angle_alpha   90.00
_cell.angle_beta   90.00
_cell.angle_gamma   120.00
#
_symmetry.space_group_name_H-M   'H 3 2'
#
loop_
_entity.id
_entity.type
_entity.pdbx_description
1 polymer 'Hemagglutinin HA1'
2 polymer 'Hemagglutinin HA2'
3 non-polymer 2-acetamido-2-deoxy-beta-D-glucopyranose
4 non-polymer 'N-acetyl-alpha-neuraminic acid'
5 non-polymer METHANOL
6 water water
#
loop_
_entity_poly.entity_id
_entity_poly.type
_entity_poly.pdbx_seq_one_letter_code
_entity_poly.pdbx_strand_id
1 'polypeptide(L)'
;ADPGDKICLGHHAVSNGTKVNTLTERGVEVVNATETVERTNIPRICSKGKRTVDLGQCGLLGTITGPPQCDQFLEFSADL
IIERREGSDVCYPGKFVNEEALRQILRESGGIDKEAMGFTYSGIRTNGATSACRRSGSSFYAEMKWLLSNTDNAAFPQMT
KSYKNTRKSPALIVWGIHHSKSTAEQTTLYGSGNKLVTVGSSNYQQSFVPSPGARPQVNGLSSRIDFHWLMLNPNDTVTF
SFNGAFIAPDRASFLRGKSMGIQSGVQVDANCEGDCYHSGGTIISNLPFQNIDSRAVGKCPRYVKQRSLLLATGMKNVPE
IPKGR
;
A
2 'polypeptide(L)'
;GLFGAIAGFIENGWEGLIDGWYGFRHQNAQGEGTAADYKSTQSAIDQITGKLNRLIEKTNQQFELIDNEFNEVEKQIGNV
INWTRDSITEVWSYNAELLVAMENQHTIDLADSEMDKLYERVKRQLRENAEEDGTGCFEIFHKCDDDCMASIRNNTYDHS
KYREEAMQNRIQIDPVSGRLVPR
;
B
#
loop_
_chem_comp.id
_chem_comp.type
_chem_comp.name
_chem_comp.formula
MOH non-polymer METHANOL 'C H4 O'
NAG D-saccharide, beta linking 2-acetamido-2-deoxy-beta-D-glucopyranose 'C8 H15 N O6'
SIA D-saccharide, alpha linking 'N-acetyl-alpha-neuraminic acid' 'C11 H19 N O9'
#
# COMPACT_ATOMS: atom_id res chain seq x y z
N ILE A 7 -55.38 -0.33 -6.87
CA ILE A 7 -53.93 -0.26 -7.09
C ILE A 7 -53.01 -0.32 -5.82
N CYS A 8 -51.96 -1.15 -5.89
CA CYS A 8 -51.04 -1.47 -4.79
C CYS A 8 -49.59 -1.09 -5.08
N LEU A 9 -48.92 -0.53 -4.07
CA LEU A 9 -47.49 -0.22 -4.12
C LEU A 9 -46.64 -1.36 -3.55
N GLY A 10 -45.47 -1.58 -4.14
CA GLY A 10 -44.58 -2.62 -3.65
C GLY A 10 -43.15 -2.39 -4.08
N HIS A 11 -42.28 -3.31 -3.66
CA HIS A 11 -40.85 -3.28 -3.94
C HIS A 11 -40.38 -4.69 -4.28
N HIS A 12 -39.20 -4.76 -4.87
CA HIS A 12 -38.63 -6.01 -5.33
C HIS A 12 -37.96 -6.79 -4.20
N ALA A 13 -37.72 -8.06 -4.48
CA ALA A 13 -37.01 -8.99 -3.61
C ALA A 13 -36.51 -10.09 -4.53
N VAL A 14 -35.56 -10.89 -4.04
CA VAL A 14 -35.08 -12.05 -4.78
C VAL A 14 -35.03 -13.25 -3.85
N SER A 15 -34.95 -14.43 -4.47
CA SER A 15 -34.96 -15.69 -3.73
C SER A 15 -33.71 -15.86 -2.87
N ASN A 16 -32.51 -15.50 -3.35
CA ASN A 16 -31.32 -15.63 -2.52
C ASN A 16 -30.57 -14.30 -2.44
N GLY A 17 -30.68 -13.62 -1.29
CA GLY A 17 -29.95 -12.39 -1.06
C GLY A 17 -28.62 -12.63 -0.37
N THR A 18 -27.99 -11.51 0.03
CA THR A 18 -26.72 -11.49 0.75
C THR A 18 -26.87 -10.80 2.12
N LYS A 19 -26.35 -11.43 3.19
CA LYS A 19 -26.44 -10.88 4.55
C LYS A 19 -25.34 -9.85 4.84
N VAL A 20 -25.71 -8.74 5.50
CA VAL A 20 -24.75 -7.70 5.88
C VAL A 20 -24.99 -7.30 7.33
N ASN A 21 -24.12 -6.44 7.88
CA ASN A 21 -24.29 -5.98 9.25
C ASN A 21 -24.61 -4.50 9.26
N THR A 22 -25.39 -4.10 10.27
CA THR A 22 -25.74 -2.69 10.41
C THR A 22 -25.43 -2.25 11.82
N LEU A 23 -25.83 -1.03 12.14
CA LEU A 23 -25.65 -0.55 13.49
C LEU A 23 -26.54 -1.30 14.46
N THR A 24 -27.75 -1.74 14.02
CA THR A 24 -28.68 -2.32 14.97
C THR A 24 -28.81 -3.82 14.86
N GLU A 25 -28.23 -4.46 13.84
CA GLU A 25 -28.54 -5.87 13.64
C GLU A 25 -27.38 -6.45 12.86
N ARG A 26 -27.03 -7.70 13.16
CA ARG A 26 -26.04 -8.43 12.38
C ARG A 26 -26.74 -9.48 11.55
N GLY A 27 -26.35 -9.57 10.29
CA GLY A 27 -26.87 -10.58 9.39
C GLY A 27 -28.25 -10.26 8.85
N VAL A 28 -28.53 -8.98 8.59
CA VAL A 28 -29.72 -8.52 7.88
C VAL A 28 -29.55 -8.81 6.39
N GLU A 29 -30.59 -9.37 5.77
CA GLU A 29 -30.50 -9.75 4.35
C GLU A 29 -30.91 -8.56 3.47
N VAL A 30 -30.05 -8.18 2.50
CA VAL A 30 -30.32 -7.11 1.52
C VAL A 30 -30.29 -7.68 0.10
N VAL A 31 -30.81 -6.92 -0.88
CA VAL A 31 -30.90 -7.53 -2.22
C VAL A 31 -29.53 -7.79 -2.88
N ASN A 32 -28.51 -6.97 -2.65
CA ASN A 32 -27.16 -7.12 -3.24
C ASN A 32 -26.28 -6.27 -2.38
N ALA A 33 -25.03 -6.67 -2.34
CA ALA A 33 -24.03 -5.99 -1.56
C ALA A 33 -22.70 -6.24 -2.26
N THR A 34 -21.70 -5.51 -1.84
CA THR A 34 -20.39 -5.55 -2.45
C THR A 34 -19.34 -5.46 -1.37
N GLU A 35 -18.20 -6.08 -1.67
CA GLU A 35 -17.11 -6.21 -0.72
C GLU A 35 -16.30 -4.93 -0.64
N THR A 36 -15.88 -4.58 0.58
CA THR A 36 -15.02 -3.42 0.78
C THR A 36 -13.60 -3.80 1.14
N VAL A 37 -13.35 -5.07 1.47
CA VAL A 37 -12.02 -5.52 1.90
C VAL A 37 -11.41 -6.36 0.78
N GLU A 38 -10.23 -5.97 0.31
CA GLU A 38 -9.61 -6.69 -0.79
C GLU A 38 -8.84 -7.88 -0.25
N ARG A 39 -9.11 -9.05 -0.81
CA ARG A 39 -8.39 -10.24 -0.40
C ARG A 39 -7.63 -10.86 -1.54
N THR A 40 -7.84 -10.40 -2.77
CA THR A 40 -7.27 -11.04 -3.93
C THR A 40 -5.89 -10.46 -4.21
N ASN A 41 -4.89 -11.33 -4.21
CA ASN A 41 -3.51 -10.95 -4.47
C ASN A 41 -3.11 -11.43 -5.85
N ILE A 42 -2.37 -10.63 -6.59
CA ILE A 42 -1.72 -11.10 -7.82
C ILE A 42 -0.27 -11.35 -7.51
N PRO A 43 0.22 -12.62 -7.53
CA PRO A 43 1.55 -12.98 -7.05
C PRO A 43 2.75 -12.60 -7.90
N ARG A 44 2.82 -11.35 -8.38
CA ARG A 44 3.96 -10.88 -9.14
C ARG A 44 4.13 -9.41 -8.79
N ILE A 45 5.30 -8.86 -9.13
CA ILE A 45 5.60 -7.46 -8.94
C ILE A 45 5.21 -6.79 -10.26
N CYS A 46 4.06 -6.12 -10.23
CA CYS A 46 3.54 -5.48 -11.43
C CYS A 46 4.28 -4.18 -11.66
N SER A 47 5.06 -4.14 -12.72
CA SER A 47 6.02 -3.06 -12.84
C SER A 47 5.85 -2.35 -14.18
N LYS A 48 4.72 -2.55 -14.86
CA LYS A 48 4.49 -1.89 -16.14
C LYS A 48 4.58 -0.37 -16.05
N GLY A 49 5.35 0.21 -16.99
CA GLY A 49 5.46 1.64 -17.00
C GLY A 49 6.51 2.21 -16.06
N LYS A 50 7.22 1.36 -15.30
CA LYS A 50 8.17 1.78 -14.27
C LYS A 50 9.54 1.21 -14.53
N ARG A 51 10.54 2.10 -14.65
CA ARG A 51 11.92 1.62 -14.65
C ARG A 51 12.22 0.85 -13.39
N THR A 52 12.44 -0.45 -13.57
CA THR A 52 12.63 -1.38 -12.48
C THR A 52 14.05 -1.91 -12.44
N VAL A 53 14.60 -1.98 -11.23
CA VAL A 53 15.89 -2.62 -11.02
C VAL A 53 15.64 -3.77 -10.03
N ASP A 54 15.86 -5.02 -10.48
CA ASP A 54 15.78 -6.22 -9.66
C ASP A 54 17.19 -6.53 -9.19
N LEU A 55 17.49 -6.24 -7.92
CA LEU A 55 18.88 -6.34 -7.48
C LEU A 55 19.37 -7.79 -7.50
N GLY A 56 18.46 -8.75 -7.37
CA GLY A 56 18.86 -10.14 -7.43
C GLY A 56 19.87 -10.52 -6.37
N GLN A 57 21.04 -10.99 -6.79
CA GLN A 57 22.08 -11.40 -5.85
C GLN A 57 22.90 -10.24 -5.31
N CYS A 58 22.71 -9.07 -5.87
CA CYS A 58 23.33 -7.85 -5.38
C CYS A 58 22.55 -7.36 -4.16
N GLY A 59 23.23 -7.23 -3.04
CA GLY A 59 22.63 -6.52 -1.91
C GLY A 59 22.59 -5.01 -2.16
N LEU A 60 21.54 -4.36 -1.67
CA LEU A 60 21.36 -2.94 -1.97
C LEU A 60 22.56 -2.11 -1.52
N LEU A 61 23.06 -2.34 -0.30
CA LEU A 61 24.24 -1.59 0.15
C LEU A 61 25.46 -1.91 -0.70
N GLY A 62 25.50 -3.12 -1.28
CA GLY A 62 26.61 -3.45 -2.17
C GLY A 62 26.76 -2.53 -3.38
N THR A 63 25.67 -1.93 -3.87
CA THR A 63 25.81 -1.02 -5.02
C THR A 63 26.73 0.16 -4.72
N ILE A 64 26.96 0.49 -3.44
CA ILE A 64 27.86 1.57 -3.06
C ILE A 64 29.31 1.06 -2.98
N THR A 65 29.52 -0.17 -2.56
CA THR A 65 30.90 -0.61 -2.36
C THR A 65 31.38 -1.41 -3.55
N GLY A 66 30.50 -2.18 -4.15
CA GLY A 66 30.79 -2.86 -5.39
C GLY A 66 31.49 -4.17 -5.18
N PRO A 67 30.90 -5.10 -4.44
CA PRO A 67 31.35 -6.47 -4.50
C PRO A 67 31.02 -7.02 -5.88
N PRO A 68 31.63 -8.14 -6.29
CA PRO A 68 31.42 -8.61 -7.67
C PRO A 68 29.95 -8.78 -8.06
N GLN A 69 29.10 -9.35 -7.19
CA GLN A 69 27.70 -9.55 -7.56
C GLN A 69 26.96 -8.25 -7.89
N CYS A 70 27.54 -7.08 -7.63
CA CYS A 70 26.89 -5.80 -7.88
C CYS A 70 27.52 -4.99 -8.99
N ASP A 71 28.45 -5.56 -9.76
CA ASP A 71 29.14 -4.75 -10.77
C ASP A 71 28.17 -4.14 -11.78
N GLN A 72 27.08 -4.82 -12.08
CA GLN A 72 26.14 -4.31 -13.06
C GLN A 72 25.24 -3.20 -12.47
N PHE A 73 25.36 -2.90 -11.17
CA PHE A 73 24.48 -1.99 -10.42
C PHE A 73 25.22 -0.80 -9.81
N LEU A 74 26.46 -0.55 -10.24
CA LEU A 74 27.27 0.51 -9.63
C LEU A 74 26.71 1.91 -9.88
N GLU A 75 25.95 2.08 -10.96
CA GLU A 75 25.36 3.38 -11.28
C GLU A 75 23.92 3.23 -11.74
N PHE A 76 23.17 2.37 -11.04
CA PHE A 76 21.83 2.05 -11.51
C PHE A 76 20.91 3.27 -11.45
N SER A 77 19.80 3.17 -12.17
CA SER A 77 18.78 4.21 -12.22
C SER A 77 17.43 3.51 -12.18
N ALA A 78 16.52 3.96 -11.33
CA ALA A 78 15.28 3.22 -11.19
C ALA A 78 14.18 4.06 -10.54
N ASP A 79 12.93 3.71 -10.87
CA ASP A 79 11.80 4.19 -10.08
C ASP A 79 11.38 3.20 -9.02
N LEU A 80 11.57 1.90 -9.26
CA LEU A 80 11.22 0.81 -8.34
C LEU A 80 12.44 -0.09 -8.12
N ILE A 81 12.80 -0.30 -6.84
CA ILE A 81 13.95 -1.12 -6.46
C ILE A 81 13.48 -2.37 -5.73
N ILE A 82 13.94 -3.53 -6.19
CA ILE A 82 13.52 -4.82 -5.66
C ILE A 82 14.73 -5.49 -5.02
N GLU A 83 14.69 -5.70 -3.71
CA GLU A 83 15.69 -6.51 -3.02
C GLU A 83 15.19 -7.96 -3.01
N ARG A 84 16.11 -8.91 -3.13
CA ARG A 84 15.87 -10.35 -3.10
C ARG A 84 16.58 -10.98 -1.90
N ARG A 85 16.05 -12.13 -1.44
CA ARG A 85 16.62 -12.79 -0.27
C ARG A 85 18.07 -13.25 -0.48
N GLU A 86 18.47 -13.52 -1.70
CA GLU A 86 19.81 -13.97 -1.99
C GLU A 86 20.79 -12.82 -2.16
N GLY A 87 20.33 -11.60 -1.98
CA GLY A 87 21.22 -10.44 -2.12
C GLY A 87 22.25 -10.41 -1.00
N SER A 88 23.46 -10.00 -1.36
CA SER A 88 24.52 -9.85 -0.37
C SER A 88 25.17 -8.48 -0.57
N ASP A 89 25.37 -7.75 0.54
CA ASP A 89 26.01 -6.44 0.49
C ASP A 89 27.53 -6.58 0.40
N VAL A 90 28.07 -7.76 0.69
CA VAL A 90 29.50 -7.93 0.92
C VAL A 90 30.06 -9.04 0.06
N CYS A 91 31.38 -9.01 -0.11
CA CYS A 91 32.17 -10.16 -0.53
C CYS A 91 33.17 -10.53 0.56
N TYR A 92 34.10 -9.65 0.88
CA TYR A 92 34.86 -9.81 2.10
C TYR A 92 33.88 -9.63 3.26
N PRO A 93 33.82 -10.59 4.21
CA PRO A 93 32.78 -10.55 5.23
C PRO A 93 32.86 -9.25 6.04
N GLY A 94 31.70 -8.78 6.46
CA GLY A 94 31.64 -7.50 7.14
C GLY A 94 30.21 -7.01 7.17
N LYS A 95 30.03 -5.85 7.78
CA LYS A 95 28.68 -5.30 7.85
C LYS A 95 28.70 -3.79 7.96
N PHE A 96 27.57 -3.18 7.54
CA PHE A 96 27.54 -1.73 7.58
C PHE A 96 27.08 -1.32 8.97
N VAL A 97 27.56 -0.19 9.44
CA VAL A 97 27.02 0.44 10.64
C VAL A 97 25.84 1.31 10.20
N ASN A 98 24.76 1.29 10.98
CA ASN A 98 23.50 1.94 10.61
C ASN A 98 23.11 1.50 9.21
N GLU A 99 23.03 0.18 9.02
CA GLU A 99 22.81 -0.35 7.68
C GLU A 99 21.42 -0.03 7.19
N GLU A 100 20.42 -0.12 8.06
CA GLU A 100 19.04 0.06 7.60
C GLU A 100 18.76 1.50 7.23
N ALA A 101 19.32 2.45 7.98
CA ALA A 101 19.17 3.84 7.58
C ALA A 101 19.68 4.03 6.17
N LEU A 102 20.86 3.47 5.88
CA LEU A 102 21.42 3.59 4.55
C LEU A 102 20.56 2.86 3.52
N ARG A 103 20.02 1.69 3.90
CA ARG A 103 19.11 1.02 3.00
C ARG A 103 17.88 1.88 2.67
N GLN A 104 17.33 2.52 3.70
CA GLN A 104 16.14 3.35 3.51
C GLN A 104 16.45 4.59 2.68
N ILE A 105 17.66 5.15 2.80
CA ILE A 105 18.10 6.26 1.95
C ILE A 105 18.17 5.86 0.49
N LEU A 106 18.70 4.66 0.22
CA LEU A 106 18.91 4.22 -1.15
C LEU A 106 17.62 3.78 -1.82
N ARG A 107 16.64 3.30 -1.04
CA ARG A 107 15.37 2.88 -1.65
C ARG A 107 14.63 4.06 -2.27
N GLU A 108 14.79 5.28 -1.71
CA GLU A 108 14.04 6.43 -2.23
C GLU A 108 14.93 7.30 -3.09
N SER A 109 16.12 6.82 -3.46
CA SER A 109 17.09 7.66 -4.16
C SER A 109 16.81 7.81 -5.65
N GLY A 110 16.09 6.89 -6.26
CA GLY A 110 15.99 6.89 -7.70
C GLY A 110 17.22 6.35 -8.42
N GLY A 111 18.18 5.80 -7.69
CA GLY A 111 19.45 5.36 -8.24
C GLY A 111 20.59 6.26 -7.81
N ILE A 112 21.81 5.85 -8.19
CA ILE A 112 23.05 6.53 -7.80
C ILE A 112 23.92 6.85 -9.02
N ASP A 113 24.66 7.95 -8.89
CA ASP A 113 25.61 8.45 -9.87
C ASP A 113 26.98 8.53 -9.23
N LYS A 114 27.95 7.79 -9.74
CA LYS A 114 29.26 7.77 -9.11
C LYS A 114 30.20 8.84 -9.70
N GLU A 115 31.09 9.34 -8.84
CA GLU A 115 32.11 10.31 -9.23
C GLU A 115 33.39 10.11 -8.43
N ALA A 116 34.52 10.15 -9.13
CA ALA A 116 35.80 9.94 -8.46
C ALA A 116 35.95 11.00 -7.37
N MET A 117 36.44 10.57 -6.20
CA MET A 117 36.66 11.54 -5.15
C MET A 117 38.09 12.11 -5.21
N GLY A 118 38.97 11.52 -6.02
CA GLY A 118 40.25 12.12 -6.29
C GLY A 118 41.40 11.93 -5.31
N PHE A 119 41.37 10.88 -4.53
CA PHE A 119 42.45 10.55 -3.61
C PHE A 119 43.63 9.95 -4.39
N THR A 120 44.84 10.51 -4.17
CA THR A 120 46.08 9.93 -4.69
C THR A 120 46.98 9.60 -3.52
N TYR A 121 47.81 8.57 -3.69
CA TYR A 121 48.62 8.00 -2.61
C TYR A 121 50.08 7.87 -3.01
N SER A 122 50.95 7.90 -2.00
CA SER A 122 52.37 7.67 -2.21
C SER A 122 52.93 6.95 -1.00
N GLY A 123 53.88 6.05 -1.22
CA GLY A 123 54.49 5.34 -0.10
C GLY A 123 53.73 4.15 0.43
N ILE A 124 52.66 3.69 -0.25
CA ILE A 124 51.89 2.53 0.17
C ILE A 124 51.48 1.73 -1.06
N ARG A 125 51.02 0.49 -0.80
CA ARG A 125 50.32 -0.27 -1.84
C ARG A 125 48.86 0.13 -1.79
N THR A 126 48.21 0.10 -2.93
CA THR A 126 46.80 0.43 -3.03
C THR A 126 45.95 -0.67 -3.65
N ASN A 127 46.55 -1.82 -3.95
CA ASN A 127 45.95 -2.90 -4.72
C ASN A 127 45.63 -4.14 -3.90
N GLY A 128 45.18 -3.95 -2.65
CA GLY A 128 44.72 -5.04 -1.81
C GLY A 128 43.60 -5.84 -2.47
N ALA A 129 43.72 -7.17 -2.45
CA ALA A 129 42.81 -8.09 -3.15
C ALA A 129 42.52 -9.30 -2.25
N THR A 130 41.47 -10.05 -2.55
CA THR A 130 41.18 -11.17 -1.71
C THR A 130 40.57 -12.27 -2.55
N SER A 131 40.74 -13.51 -2.12
CA SER A 131 40.08 -14.56 -2.88
C SER A 131 38.56 -14.61 -2.65
N ALA A 132 38.00 -13.78 -1.77
CA ALA A 132 36.56 -13.69 -1.61
C ALA A 132 35.85 -12.79 -2.63
N CYS A 133 36.55 -11.86 -3.24
CA CYS A 133 36.00 -11.00 -4.29
C CYS A 133 36.75 -11.36 -5.58
N ARG A 134 36.29 -12.39 -6.26
CA ARG A 134 37.00 -12.94 -7.40
C ARG A 134 36.46 -12.36 -8.70
N ARG A 135 37.37 -11.82 -9.53
CA ARG A 135 37.10 -11.43 -10.91
C ARG A 135 38.22 -12.00 -11.78
N SER A 136 38.08 -13.28 -12.19
CA SER A 136 39.08 -14.03 -12.95
C SER A 136 40.37 -14.16 -12.15
N GLY A 137 40.33 -13.62 -10.94
CA GLY A 137 41.42 -13.70 -10.00
C GLY A 137 41.03 -12.93 -8.74
N SER A 138 41.98 -12.83 -7.81
CA SER A 138 41.77 -12.05 -6.60
C SER A 138 41.54 -10.58 -6.95
N SER A 139 40.51 -10.00 -6.34
CA SER A 139 40.10 -8.61 -6.57
C SER A 139 39.56 -8.04 -5.28
N PHE A 140 38.83 -6.94 -5.36
CA PHE A 140 38.32 -6.27 -4.17
C PHE A 140 37.04 -5.54 -4.53
N TYR A 141 36.52 -4.75 -3.57
CA TYR A 141 35.36 -3.91 -3.86
C TYR A 141 35.75 -2.89 -4.92
N ALA A 142 34.94 -2.81 -5.97
CA ALA A 142 35.30 -1.98 -7.12
C ALA A 142 35.35 -0.49 -6.80
N GLU A 143 34.65 -0.04 -5.76
CA GLU A 143 34.63 1.39 -5.49
C GLU A 143 35.55 1.79 -4.36
N MET A 144 36.27 0.83 -3.79
CA MET A 144 37.13 1.07 -2.65
C MET A 144 38.55 0.62 -3.01
N LYS A 145 39.49 1.01 -2.15
CA LYS A 145 40.85 0.61 -2.26
C LYS A 145 41.38 0.20 -0.89
N TRP A 146 41.90 -1.01 -0.83
CA TRP A 146 42.49 -1.59 0.36
C TRP A 146 43.93 -1.10 0.44
N LEU A 147 44.17 -0.12 1.32
CA LEU A 147 45.48 0.49 1.50
C LEU A 147 46.34 -0.35 2.43
N LEU A 148 47.56 -0.68 2.00
CA LEU A 148 48.49 -1.51 2.77
C LEU A 148 49.87 -0.85 2.84
N SER A 149 50.71 -1.35 3.76
CA SER A 149 52.10 -0.94 3.74
C SER A 149 52.77 -1.50 2.47
N ASN A 150 53.85 -0.86 2.02
CA ASN A 150 54.46 -1.29 0.77
C ASN A 150 54.93 -2.73 0.86
N THR A 151 55.45 -3.13 1.99
CA THR A 151 55.92 -4.50 2.12
C THR A 151 55.54 -4.93 3.52
N ASP A 152 55.55 -6.25 3.71
CA ASP A 152 55.16 -6.90 4.95
C ASP A 152 55.90 -6.28 6.13
N ASN A 153 55.14 -5.94 7.17
CA ASN A 153 55.55 -5.37 8.45
C ASN A 153 56.08 -3.93 8.34
N ALA A 154 56.14 -3.35 7.14
CA ALA A 154 56.55 -1.97 7.03
C ALA A 154 55.50 -1.05 7.66
N ALA A 155 55.95 0.11 8.14
CA ALA A 155 55.07 1.06 8.81
C ALA A 155 54.13 1.79 7.86
N PHE A 156 52.86 1.88 8.24
CA PHE A 156 51.92 2.65 7.46
C PHE A 156 52.00 4.08 7.96
N PRO A 157 52.33 5.06 7.13
CA PRO A 157 52.46 6.43 7.63
C PRO A 157 51.10 7.00 8.00
N GLN A 158 51.06 7.79 9.08
CA GLN A 158 49.84 8.52 9.42
C GLN A 158 49.63 9.45 8.26
N MET A 159 48.43 9.45 7.71
CA MET A 159 48.17 10.26 6.54
C MET A 159 46.79 10.86 6.62
N THR A 160 46.62 11.97 5.90
CA THR A 160 45.35 12.66 5.84
C THR A 160 45.00 12.90 4.38
N LYS A 161 43.79 12.48 4.01
CA LYS A 161 43.23 12.62 2.67
C LYS A 161 41.88 13.33 2.79
N SER A 162 41.68 14.39 2.02
CA SER A 162 40.45 15.19 2.09
C SER A 162 39.72 15.22 0.75
N TYR A 163 38.39 15.38 0.81
CA TYR A 163 37.54 15.44 -0.37
C TYR A 163 36.51 16.55 -0.22
N LYS A 164 36.41 17.40 -1.24
CA LYS A 164 35.46 18.49 -1.25
C LYS A 164 34.29 18.12 -2.17
N ASN A 165 33.07 18.25 -1.65
CA ASN A 165 31.88 17.99 -2.45
C ASN A 165 31.69 19.24 -3.29
N THR A 166 32.02 19.18 -4.56
CA THR A 166 31.87 20.36 -5.40
C THR A 166 30.51 20.36 -6.07
N ARG A 167 29.68 19.36 -5.80
CA ARG A 167 28.37 19.29 -6.41
C ARG A 167 27.28 19.89 -5.54
N LYS A 168 26.05 19.85 -6.06
CA LYS A 168 24.90 20.59 -5.56
C LYS A 168 23.97 19.76 -4.68
N SER A 169 24.25 18.47 -4.51
CA SER A 169 23.48 17.57 -3.67
C SER A 169 24.43 16.85 -2.73
N PRO A 170 23.93 16.30 -1.62
CA PRO A 170 24.82 15.65 -0.65
C PRO A 170 25.57 14.46 -1.27
N ALA A 171 26.80 14.27 -0.85
CA ALA A 171 27.62 13.18 -1.31
C ALA A 171 27.62 12.03 -0.31
N LEU A 172 27.37 10.82 -0.78
CA LEU A 172 27.51 9.63 0.05
C LEU A 172 28.95 9.11 0.00
N ILE A 173 29.63 9.18 1.14
CA ILE A 173 31.01 8.73 1.31
C ILE A 173 30.97 7.51 2.20
N VAL A 174 31.64 6.45 1.75
CA VAL A 174 31.74 5.20 2.49
C VAL A 174 33.21 4.87 2.63
N TRP A 175 33.61 4.45 3.81
CA TRP A 175 34.96 3.94 4.04
C TRP A 175 34.83 2.68 4.87
N GLY A 176 35.93 1.97 5.06
CA GLY A 176 35.90 0.72 5.77
C GLY A 176 37.01 0.60 6.79
N ILE A 177 36.72 -0.13 7.85
CA ILE A 177 37.71 -0.48 8.84
C ILE A 177 38.00 -1.97 8.77
N HIS A 178 39.26 -2.31 8.62
CA HIS A 178 39.66 -3.69 8.44
C HIS A 178 40.06 -4.25 9.81
N HIS A 179 39.42 -5.35 10.19
CA HIS A 179 39.77 -6.05 11.43
C HIS A 179 40.45 -7.34 11.01
N SER A 180 41.77 -7.40 11.18
CA SER A 180 42.50 -8.58 10.79
C SER A 180 42.23 -9.78 11.72
N LYS A 181 42.67 -10.95 11.25
CA LYS A 181 42.42 -12.25 11.88
C LYS A 181 43.15 -12.37 13.22
N SER A 182 44.19 -11.57 13.43
CA SER A 182 44.98 -11.56 14.66
C SER A 182 45.83 -10.32 14.63
N THR A 183 46.37 -9.94 15.81
CA THR A 183 47.29 -8.82 15.86
C THR A 183 48.52 -9.06 15.01
N ALA A 184 48.97 -10.32 14.94
CA ALA A 184 50.12 -10.63 14.11
C ALA A 184 49.81 -10.41 12.64
N GLU A 185 48.61 -10.78 12.19
CA GLU A 185 48.26 -10.56 10.78
C GLU A 185 48.07 -9.08 10.49
N GLN A 186 47.46 -8.34 11.42
CA GLN A 186 47.33 -6.89 11.27
C GLN A 186 48.65 -6.16 11.13
N THR A 187 49.66 -6.54 11.89
CA THR A 187 50.95 -5.88 11.67
C THR A 187 51.55 -6.20 10.31
N THR A 188 51.41 -7.45 9.82
CA THR A 188 51.99 -7.78 8.52
C THR A 188 51.38 -6.91 7.42
N LEU A 189 50.13 -6.49 7.59
CA LEU A 189 49.53 -5.65 6.58
C LEU A 189 49.90 -4.17 6.77
N TYR A 190 49.93 -3.68 8.03
CA TYR A 190 50.07 -2.25 8.31
C TYR A 190 51.16 -1.82 9.31
N GLY A 191 51.93 -2.74 9.87
CA GLY A 191 52.89 -2.41 10.90
C GLY A 191 52.24 -2.41 12.29
N SER A 192 53.08 -2.60 13.32
CA SER A 192 52.56 -2.71 14.68
C SER A 192 52.14 -1.37 15.28
N GLY A 193 51.42 -1.49 16.41
CA GLY A 193 50.97 -0.40 17.25
C GLY A 193 49.49 -0.06 17.05
N ASN A 194 49.01 0.84 17.91
CA ASN A 194 47.61 1.25 17.83
C ASN A 194 47.45 1.98 16.50
N LYS A 195 46.33 1.73 15.85
CA LYS A 195 46.00 2.34 14.57
C LYS A 195 44.73 3.14 14.70
N LEU A 196 44.67 4.32 14.06
CA LEU A 196 43.52 5.20 14.24
C LEU A 196 43.15 5.90 12.94
N VAL A 197 41.84 5.95 12.70
CA VAL A 197 41.24 6.65 11.58
C VAL A 197 40.19 7.62 12.12
N THR A 198 40.43 8.88 11.88
CA THR A 198 39.51 9.94 12.23
C THR A 198 38.84 10.52 10.99
N VAL A 199 37.54 10.73 11.08
CA VAL A 199 36.77 11.29 9.98
C VAL A 199 35.99 12.50 10.51
N GLY A 200 36.12 13.63 9.82
CA GLY A 200 35.47 14.85 10.25
C GLY A 200 34.93 15.65 9.09
N SER A 201 33.78 16.28 9.28
CA SER A 201 33.22 17.24 8.33
C SER A 201 32.71 18.47 9.10
N SER A 202 31.83 19.21 8.45
CA SER A 202 31.23 20.39 9.06
C SER A 202 30.15 20.02 10.07
N ASN A 203 29.56 18.84 9.94
CA ASN A 203 28.51 18.34 10.82
C ASN A 203 28.79 16.94 11.34
N TYR A 204 30.02 16.44 11.21
CA TYR A 204 30.30 15.07 11.63
C TYR A 204 31.65 14.92 12.32
N GLN A 205 31.70 14.15 13.43
CA GLN A 205 33.01 13.76 13.95
C GLN A 205 32.89 12.43 14.67
N GLN A 206 33.80 11.50 14.31
CA GLN A 206 33.87 10.14 14.84
C GLN A 206 35.25 9.55 14.58
N SER A 207 35.80 8.86 15.58
CA SER A 207 37.04 8.10 15.49
C SER A 207 36.88 6.57 15.50
N PHE A 208 37.83 5.86 14.83
CA PHE A 208 37.80 4.39 14.71
C PHE A 208 39.22 3.80 14.88
N VAL A 209 39.32 2.72 15.68
CA VAL A 209 40.54 1.93 15.85
C VAL A 209 40.24 0.48 15.48
N PRO A 210 41.04 -0.20 14.64
CA PRO A 210 40.76 -1.61 14.30
C PRO A 210 40.93 -2.57 15.45
N SER A 211 40.14 -3.64 15.40
CA SER A 211 40.09 -4.64 16.45
C SER A 211 40.41 -6.04 15.93
N PRO A 212 41.68 -6.39 15.84
CA PRO A 212 42.04 -7.72 15.34
C PRO A 212 41.59 -8.80 16.33
N GLY A 213 41.26 -9.97 15.78
CA GLY A 213 40.75 -11.03 16.63
C GLY A 213 40.10 -12.14 15.83
N ALA A 214 39.92 -13.31 16.42
CA ALA A 214 39.31 -14.42 15.69
C ALA A 214 37.80 -14.22 15.61
N ARG A 215 37.23 -14.47 14.43
CA ARG A 215 35.80 -14.45 14.17
C ARG A 215 35.53 -15.75 13.42
N PRO A 216 34.27 -16.23 13.40
CA PRO A 216 33.99 -17.47 12.64
C PRO A 216 34.27 -17.25 11.16
N GLN A 217 34.69 -18.32 10.47
CA GLN A 217 35.01 -18.18 9.05
C GLN A 217 33.74 -18.02 8.25
N VAL A 218 33.63 -16.87 7.60
CA VAL A 218 32.61 -16.55 6.61
C VAL A 218 33.36 -16.32 5.31
N ASN A 219 33.06 -17.14 4.29
CA ASN A 219 33.81 -17.11 3.04
C ASN A 219 35.28 -17.41 3.27
N GLY A 220 35.59 -18.26 4.25
CA GLY A 220 36.96 -18.66 4.48
C GLY A 220 37.78 -17.73 5.35
N LEU A 221 37.24 -16.57 5.75
CA LEU A 221 38.02 -15.55 6.45
C LEU A 221 37.47 -15.30 7.85
N SER A 222 38.38 -15.09 8.79
CA SER A 222 38.02 -14.80 10.17
C SER A 222 38.22 -13.33 10.48
N SER A 223 38.68 -12.59 9.49
CA SER A 223 38.85 -11.15 9.52
C SER A 223 37.65 -10.52 8.83
N ARG A 224 37.40 -9.25 9.12
CA ARG A 224 36.12 -8.67 8.74
C ARG A 224 36.34 -7.19 8.38
N ILE A 225 35.40 -6.60 7.63
CA ILE A 225 35.45 -5.17 7.34
C ILE A 225 34.17 -4.46 7.80
N ASP A 226 34.35 -3.41 8.58
CA ASP A 226 33.29 -2.48 8.96
C ASP A 226 33.22 -1.36 7.94
N PHE A 227 32.07 -1.24 7.29
CA PHE A 227 31.80 -0.18 6.33
C PHE A 227 31.05 0.92 7.07
N HIS A 228 31.56 2.15 7.00
CA HIS A 228 30.94 3.33 7.60
C HIS A 228 30.61 4.34 6.52
N TRP A 229 29.66 5.21 6.82
CA TRP A 229 29.22 6.18 5.82
C TRP A 229 28.79 7.49 6.45
N LEU A 230 28.80 8.54 5.63
CA LEU A 230 28.24 9.84 6.01
C LEU A 230 27.77 10.53 4.74
N MET A 231 26.88 11.49 4.91
CA MET A 231 26.42 12.40 3.84
C MET A 231 27.15 13.73 3.95
N LEU A 232 27.88 14.09 2.88
CA LEU A 232 28.65 15.31 2.82
C LEU A 232 27.87 16.38 2.06
N ASN A 233 27.55 17.48 2.73
CA ASN A 233 26.78 18.55 2.11
C ASN A 233 27.55 19.28 1.00
N PRO A 234 26.84 19.92 0.05
CA PRO A 234 27.53 20.69 -0.98
C PRO A 234 28.44 21.74 -0.36
N ASN A 235 29.62 21.91 -0.96
CA ASN A 235 30.67 22.85 -0.55
C ASN A 235 31.34 22.46 0.77
N ASP A 236 30.89 21.39 1.43
CA ASP A 236 31.54 20.88 2.63
C ASP A 236 32.68 19.92 2.29
N THR A 237 33.60 19.73 3.25
CA THR A 237 34.76 18.87 3.01
C THR A 237 34.78 17.72 4.02
N VAL A 238 35.11 16.51 3.56
CA VAL A 238 35.39 15.37 4.44
C VAL A 238 36.88 15.09 4.41
N THR A 239 37.46 14.89 5.58
CA THR A 239 38.90 14.67 5.71
C THR A 239 39.09 13.39 6.51
N PHE A 240 39.89 12.47 5.97
CA PHE A 240 40.23 11.22 6.62
C PHE A 240 41.68 11.26 7.06
N SER A 241 41.89 10.98 8.36
CA SER A 241 43.18 10.88 9.01
C SER A 241 43.22 9.45 9.53
N PHE A 242 44.21 8.69 9.09
CA PHE A 242 44.24 7.24 9.32
C PHE A 242 45.69 6.81 9.37
N ASN A 243 45.92 5.64 10.00
CA ASN A 243 47.26 5.05 10.04
C ASN A 243 47.24 3.57 9.69
N GLY A 244 46.21 3.09 9.02
CA GLY A 244 46.26 1.71 8.64
C GLY A 244 44.87 1.13 8.78
N ALA A 245 44.67 -0.10 8.36
CA ALA A 245 43.39 -0.77 8.53
C ALA A 245 42.26 0.04 7.94
N PHE A 246 42.53 0.78 6.87
CA PHE A 246 41.54 1.70 6.34
C PHE A 246 41.26 1.27 4.91
N ILE A 247 40.00 0.98 4.64
CA ILE A 247 39.54 0.68 3.31
C ILE A 247 39.00 2.00 2.80
N ALA A 248 39.74 2.64 1.93
CA ALA A 248 39.48 4.00 1.50
C ALA A 248 38.44 4.05 0.39
N PRO A 249 37.64 5.10 0.33
CA PRO A 249 36.72 5.28 -0.80
C PRO A 249 37.43 5.81 -2.03
N ASP A 250 37.07 5.28 -3.20
CA ASP A 250 37.57 5.76 -4.49
C ASP A 250 36.62 6.72 -5.16
N ARG A 251 35.31 6.49 -5.00
CA ARG A 251 34.28 7.33 -5.58
C ARG A 251 33.24 7.67 -4.54
N ALA A 252 32.60 8.81 -4.73
CA ALA A 252 31.49 9.21 -3.91
C ALA A 252 30.23 8.87 -4.67
N SER A 253 29.13 8.75 -3.95
CA SER A 253 27.86 8.41 -4.59
C SER A 253 26.93 9.60 -4.45
N PHE A 254 26.14 9.87 -5.49
CA PHE A 254 25.12 10.93 -5.45
C PHE A 254 23.77 10.36 -5.87
N LEU A 255 22.73 10.77 -5.16
CA LEU A 255 21.37 10.27 -5.39
C LEU A 255 20.78 10.93 -6.63
N ARG A 256 20.13 10.10 -7.46
CA ARG A 256 19.67 10.55 -8.76
C ARG A 256 18.38 11.36 -8.68
N GLY A 257 17.41 10.88 -7.91
CA GLY A 257 16.14 11.56 -7.80
C GLY A 257 15.26 10.97 -6.71
N LYS A 258 14.28 10.19 -7.15
CA LYS A 258 13.25 9.62 -6.30
C LYS A 258 12.90 8.24 -6.83
N SER A 259 12.52 7.35 -5.92
CA SER A 259 12.14 5.97 -6.22
C SER A 259 11.46 5.41 -4.98
N MET A 260 11.06 4.14 -5.08
CA MET A 260 10.56 3.39 -3.96
C MET A 260 11.17 1.99 -3.98
N GLY A 261 11.37 1.42 -2.80
CA GLY A 261 11.99 0.10 -2.67
C GLY A 261 11.03 -0.88 -2.03
N ILE A 262 11.04 -2.12 -2.53
CA ILE A 262 10.24 -3.21 -1.97
C ILE A 262 11.13 -4.43 -1.78
N GLN A 263 10.63 -5.40 -1.02
CA GLN A 263 11.30 -6.68 -0.84
C GLN A 263 10.35 -7.77 -1.26
N SER A 264 10.74 -8.54 -2.28
CA SER A 264 9.83 -9.51 -2.86
C SER A 264 10.51 -10.83 -3.11
N GLY A 265 9.68 -11.85 -3.21
CA GLY A 265 10.15 -13.18 -3.56
C GLY A 265 9.40 -13.69 -4.78
N VAL A 266 8.84 -12.75 -5.58
CA VAL A 266 8.07 -13.09 -6.77
C VAL A 266 8.55 -12.31 -7.97
N GLN A 267 8.20 -12.84 -9.15
CA GLN A 267 8.70 -12.40 -10.43
C GLN A 267 8.22 -11.00 -10.81
N VAL A 268 8.88 -10.44 -11.80
CA VAL A 268 8.50 -9.14 -12.32
C VAL A 268 7.55 -9.40 -13.47
N ASP A 269 6.51 -8.58 -13.56
CA ASP A 269 5.52 -8.63 -14.62
C ASP A 269 5.36 -7.24 -15.23
N ALA A 270 5.89 -7.03 -16.40
CA ALA A 270 5.71 -5.75 -17.06
C ALA A 270 4.34 -5.66 -17.77
N ASN A 271 3.39 -6.56 -17.48
CA ASN A 271 2.10 -6.51 -18.15
C ASN A 271 0.95 -6.17 -17.22
N CYS A 272 1.18 -6.10 -15.92
CA CYS A 272 0.21 -5.56 -14.99
C CYS A 272 0.81 -4.31 -14.39
N GLU A 273 -0.05 -3.36 -14.04
CA GLU A 273 0.35 -2.07 -13.54
C GLU A 273 -0.15 -2.01 -12.11
N GLY A 274 0.71 -1.60 -11.17
CA GLY A 274 0.27 -1.56 -9.80
C GLY A 274 0.99 -0.49 -9.00
N ASP A 275 0.45 -0.23 -7.82
CA ASP A 275 1.06 0.78 -6.98
C ASP A 275 1.15 0.35 -5.55
N CYS A 276 0.76 -0.87 -5.23
CA CYS A 276 0.80 -1.33 -3.85
C CYS A 276 1.42 -2.71 -3.87
N TYR A 277 2.57 -2.82 -3.21
CA TYR A 277 3.38 -4.02 -3.25
C TYR A 277 3.59 -4.54 -1.83
N HIS A 278 3.72 -5.86 -1.76
CA HIS A 278 4.18 -6.55 -0.57
C HIS A 278 5.06 -7.70 -1.04
N SER A 279 5.59 -8.47 -0.09
CA SER A 279 6.54 -9.51 -0.47
C SER A 279 5.92 -10.59 -1.38
N GLY A 280 4.59 -10.76 -1.36
CA GLY A 280 3.94 -11.78 -2.15
C GLY A 280 3.40 -11.34 -3.48
N GLY A 281 3.48 -10.07 -3.80
CA GLY A 281 3.06 -9.64 -5.10
C GLY A 281 2.48 -8.24 -5.06
N THR A 282 1.44 -8.05 -5.84
CA THR A 282 0.87 -6.72 -6.00
C THR A 282 -0.61 -6.75 -5.66
N ILE A 283 -1.06 -5.71 -4.99
CA ILE A 283 -2.44 -5.52 -4.61
C ILE A 283 -3.00 -4.51 -5.59
N ILE A 284 -3.90 -4.97 -6.45
CA ILE A 284 -4.51 -4.11 -7.43
C ILE A 284 -5.96 -3.99 -7.04
N SER A 285 -6.37 -2.81 -6.61
CA SER A 285 -7.71 -2.75 -6.06
C SER A 285 -8.12 -1.29 -6.00
N ASN A 286 -9.42 -1.06 -6.20
CA ASN A 286 -10.09 0.22 -5.96
C ASN A 286 -10.77 0.22 -4.61
N LEU A 287 -10.77 -0.92 -3.91
CA LEU A 287 -11.39 -1.06 -2.60
C LEU A 287 -10.61 -0.29 -1.54
N PRO A 288 -11.30 0.25 -0.54
CA PRO A 288 -10.60 1.06 0.46
C PRO A 288 -9.83 0.27 1.48
N PHE A 289 -10.10 -1.03 1.62
CA PHE A 289 -9.42 -1.85 2.62
C PHE A 289 -8.82 -3.12 2.01
N GLN A 290 -7.80 -3.66 2.67
CA GLN A 290 -7.20 -4.94 2.27
C GLN A 290 -6.87 -5.74 3.52
N ASN A 291 -6.94 -7.07 3.40
CA ASN A 291 -6.64 -8.03 4.47
C ASN A 291 -5.49 -8.97 4.10
N ILE A 292 -4.59 -8.49 3.25
CA ILE A 292 -3.54 -9.30 2.63
C ILE A 292 -2.22 -9.24 3.39
N ASP A 293 -1.70 -8.02 3.63
CA ASP A 293 -0.38 -7.83 4.27
C ASP A 293 -0.38 -6.47 4.96
N SER A 294 -0.17 -6.45 6.27
CA SER A 294 -0.15 -5.16 6.97
C SER A 294 1.09 -4.31 6.66
N ARG A 295 2.13 -4.88 6.04
CA ARG A 295 3.40 -4.21 5.72
C ARG A 295 3.52 -3.86 4.25
N ALA A 296 2.41 -3.89 3.52
CA ALA A 296 2.40 -3.47 2.14
C ALA A 296 2.87 -2.03 2.03
N VAL A 297 3.48 -1.69 0.90
CA VAL A 297 4.08 -0.38 0.72
C VAL A 297 3.67 0.15 -0.65
N GLY A 298 3.80 1.47 -0.80
CA GLY A 298 3.29 2.12 -2.00
C GLY A 298 2.02 2.91 -1.73
N LYS A 299 1.09 2.97 -2.71
CA LYS A 299 -0.24 3.58 -2.55
C LYS A 299 -1.25 2.44 -2.40
N CYS A 300 -1.68 2.25 -1.16
CA CYS A 300 -2.37 1.06 -0.76
C CYS A 300 -3.73 1.31 -0.14
N PRO A 301 -4.66 0.35 -0.25
CA PRO A 301 -5.82 0.33 0.66
C PRO A 301 -5.32 0.13 2.08
N ARG A 302 -6.07 0.67 3.04
CA ARG A 302 -5.67 0.57 4.44
C ARG A 302 -5.81 -0.89 4.90
N TYR A 303 -4.78 -1.43 5.55
CA TYR A 303 -4.91 -2.78 6.08
C TYR A 303 -5.90 -2.83 7.25
N VAL A 304 -6.78 -3.84 7.25
CA VAL A 304 -7.71 -4.11 8.35
C VAL A 304 -7.68 -5.61 8.69
N LYS A 305 -8.04 -5.93 9.95
CA LYS A 305 -8.03 -7.32 10.41
C LYS A 305 -9.22 -8.11 9.89
N GLN A 306 -10.32 -7.46 9.58
CA GLN A 306 -11.45 -8.20 9.04
C GLN A 306 -11.09 -8.74 7.68
N ARG A 307 -11.51 -9.98 7.40
CA ARG A 307 -11.31 -10.50 6.06
C ARG A 307 -12.42 -10.06 5.14
N SER A 308 -13.57 -9.66 5.69
CA SER A 308 -14.69 -9.25 4.85
C SER A 308 -15.57 -8.23 5.57
N LEU A 309 -15.95 -7.17 4.84
CA LEU A 309 -16.90 -6.17 5.33
C LEU A 309 -17.84 -5.84 4.17
N LEU A 310 -19.06 -6.39 4.19
CA LEU A 310 -19.99 -6.24 3.07
C LEU A 310 -20.79 -4.96 3.17
N LEU A 311 -20.75 -4.14 2.12
CA LEU A 311 -21.49 -2.89 2.05
C LEU A 311 -22.77 -3.08 1.28
N ALA A 312 -23.90 -2.78 1.92
CA ALA A 312 -25.19 -2.96 1.26
C ALA A 312 -25.26 -2.00 0.08
N THR A 313 -25.67 -2.52 -1.08
CA THR A 313 -25.90 -1.69 -2.25
C THR A 313 -27.34 -1.80 -2.76
N GLY A 314 -28.23 -2.35 -1.94
CA GLY A 314 -29.63 -2.47 -2.32
C GLY A 314 -30.46 -2.48 -1.06
N MET A 315 -31.79 -2.47 -1.25
CA MET A 315 -32.70 -2.42 -0.11
C MET A 315 -32.72 -3.72 0.67
N LYS A 316 -33.41 -3.68 1.81
CA LYS A 316 -33.67 -4.91 2.55
C LYS A 316 -34.48 -5.89 1.71
N ASN A 317 -34.11 -7.16 1.79
CA ASN A 317 -34.80 -8.19 1.02
C ASN A 317 -35.90 -8.80 1.89
N VAL A 318 -37.16 -8.60 1.53
CA VAL A 318 -38.15 -9.32 2.34
C VAL A 318 -38.98 -10.25 1.45
N PRO A 319 -38.52 -11.47 1.22
CA PRO A 319 -39.23 -12.40 0.35
C PRO A 319 -40.40 -13.03 1.11
N GLU A 320 -41.24 -13.76 0.38
CA GLU A 320 -42.37 -14.44 1.03
C GLU A 320 -42.20 -15.94 0.85
N GLY B 1 -36.65 -0.90 8.80
CA GLY B 1 -36.26 0.47 8.54
C GLY B 1 -36.99 1.53 9.34
N LEU B 2 -36.45 2.76 9.32
CA LEU B 2 -37.02 3.88 10.07
C LEU B 2 -38.37 4.34 9.56
N PHE B 3 -38.77 3.95 8.35
CA PHE B 3 -39.97 4.51 7.73
C PHE B 3 -41.13 3.52 7.69
N GLY B 4 -40.96 2.33 8.28
CA GLY B 4 -41.94 1.27 8.38
C GLY B 4 -42.79 0.99 7.15
N ALA B 5 -42.15 1.05 5.98
CA ALA B 5 -42.73 0.58 4.74
C ALA B 5 -42.16 -0.80 4.44
N ILE B 6 -40.97 -0.77 3.84
CA ILE B 6 -40.24 -2.00 3.50
C ILE B 6 -40.02 -2.83 4.74
N ALA B 7 -40.45 -4.10 4.68
CA ALA B 7 -40.42 -4.93 5.87
C ALA B 7 -41.27 -4.29 6.96
N GLY B 8 -42.30 -3.54 6.54
CA GLY B 8 -43.18 -2.87 7.48
C GLY B 8 -44.65 -3.12 7.21
N PHE B 9 -45.46 -2.08 6.96
CA PHE B 9 -46.87 -2.37 6.71
C PHE B 9 -47.11 -2.98 5.34
N ILE B 10 -46.17 -2.85 4.41
CA ILE B 10 -46.17 -3.67 3.20
C ILE B 10 -45.44 -4.96 3.58
N GLU B 11 -46.15 -6.08 3.56
CA GLU B 11 -45.63 -7.27 4.23
C GLU B 11 -44.41 -7.85 3.52
N ASN B 12 -44.37 -7.77 2.18
CA ASN B 12 -43.20 -8.32 1.51
C ASN B 12 -43.02 -7.73 0.12
N GLY B 13 -41.88 -8.10 -0.49
CA GLY B 13 -41.51 -7.63 -1.80
C GLY B 13 -41.97 -8.58 -2.90
N TRP B 14 -41.77 -8.16 -4.14
CA TRP B 14 -42.22 -8.90 -5.30
C TRP B 14 -41.04 -9.51 -6.06
N GLU B 15 -40.93 -10.83 -6.02
CA GLU B 15 -39.85 -11.51 -6.73
C GLU B 15 -40.08 -11.51 -8.24
N GLY B 16 -41.32 -11.28 -8.68
CA GLY B 16 -41.60 -11.12 -10.09
C GLY B 16 -41.31 -9.74 -10.65
N LEU B 17 -41.09 -8.77 -9.75
CA LEU B 17 -40.72 -7.40 -10.13
C LEU B 17 -39.23 -7.32 -10.47
N ILE B 18 -38.95 -7.55 -11.76
CA ILE B 18 -37.59 -7.64 -12.27
C ILE B 18 -37.20 -6.38 -13.03
N ASP B 19 -38.12 -5.42 -13.16
CA ASP B 19 -37.89 -4.21 -13.95
C ASP B 19 -37.76 -2.93 -13.12
N GLY B 20 -37.66 -3.02 -11.80
CA GLY B 20 -37.46 -1.82 -11.02
C GLY B 20 -37.33 -2.17 -9.55
N TRP B 21 -37.00 -1.15 -8.75
CA TRP B 21 -36.92 -1.39 -7.32
C TRP B 21 -38.30 -1.24 -6.66
N TYR B 22 -39.13 -0.31 -7.16
CA TYR B 22 -40.45 -0.05 -6.62
C TYR B 22 -41.42 -0.03 -7.79
N GLY B 23 -42.69 -0.25 -7.51
CA GLY B 23 -43.63 -0.27 -8.62
C GLY B 23 -45.06 -0.34 -8.14
N PHE B 24 -45.97 -0.44 -9.11
CA PHE B 24 -47.40 -0.50 -8.89
C PHE B 24 -47.89 -1.85 -9.43
N ARG B 25 -48.81 -2.47 -8.68
CA ARG B 25 -49.52 -3.67 -9.08
C ARG B 25 -50.99 -3.32 -8.89
N HIS B 26 -51.74 -3.20 -9.98
CA HIS B 26 -53.12 -2.73 -9.99
C HIS B 26 -54.06 -3.87 -10.37
N GLN B 27 -55.32 -3.77 -9.96
CA GLN B 27 -56.32 -4.72 -10.45
C GLN B 27 -57.62 -3.98 -10.75
N ASN B 28 -58.16 -4.31 -11.91
CA ASN B 28 -59.41 -3.77 -12.41
C ASN B 28 -60.09 -4.85 -13.22
N ALA B 29 -61.14 -4.47 -13.96
CA ALA B 29 -61.92 -5.45 -14.70
C ALA B 29 -61.14 -6.19 -15.79
N GLN B 30 -60.10 -5.59 -16.38
CA GLN B 30 -59.32 -6.33 -17.39
C GLN B 30 -58.31 -7.29 -16.80
N GLY B 31 -58.09 -7.23 -15.49
CA GLY B 31 -57.23 -8.09 -14.71
C GLY B 31 -56.20 -7.28 -14.01
N GLU B 32 -55.07 -7.90 -13.65
CA GLU B 32 -54.00 -7.21 -12.95
C GLU B 32 -52.72 -7.18 -13.80
N GLY B 33 -51.92 -6.14 -13.56
CA GLY B 33 -50.66 -5.94 -14.25
C GLY B 33 -49.68 -5.27 -13.30
N THR B 34 -48.38 -5.45 -13.58
CA THR B 34 -47.35 -4.83 -12.76
C THR B 34 -46.27 -4.17 -13.59
N ALA B 35 -45.96 -2.92 -13.24
CA ALA B 35 -44.92 -2.13 -13.89
C ALA B 35 -44.14 -1.38 -12.83
N ALA B 36 -42.89 -1.09 -13.14
CA ALA B 36 -41.99 -0.35 -12.27
C ALA B 36 -42.05 1.16 -12.50
N ASP B 37 -41.85 1.91 -11.42
CA ASP B 37 -41.74 3.37 -11.47
C ASP B 37 -40.26 3.73 -11.59
N TYR B 38 -39.94 4.45 -12.66
CA TYR B 38 -38.54 4.74 -12.97
C TYR B 38 -37.98 5.80 -12.04
N LYS B 39 -38.79 6.81 -11.78
CA LYS B 39 -38.29 8.01 -11.10
C LYS B 39 -37.84 7.66 -9.69
N SER B 40 -38.66 6.90 -8.95
CA SER B 40 -38.30 6.55 -7.58
C SER B 40 -37.10 5.62 -7.54
N THR B 41 -37.11 4.60 -8.40
CA THR B 41 -36.00 3.67 -8.51
C THR B 41 -34.66 4.38 -8.78
N GLN B 42 -34.64 5.28 -9.77
CA GLN B 42 -33.40 5.95 -10.17
C GLN B 42 -32.81 6.80 -9.07
N SER B 43 -33.66 7.38 -8.21
CA SER B 43 -33.18 8.19 -7.09
C SER B 43 -32.34 7.34 -6.13
N ALA B 44 -32.89 6.18 -5.75
CA ALA B 44 -32.17 5.28 -4.85
C ALA B 44 -30.88 4.79 -5.47
N ILE B 45 -30.93 4.36 -6.73
CA ILE B 45 -29.72 3.88 -7.38
C ILE B 45 -28.67 4.99 -7.38
N ASP B 46 -29.10 6.23 -7.66
CA ASP B 46 -28.18 7.36 -7.71
C ASP B 46 -27.56 7.63 -6.36
N GLN B 47 -28.34 7.52 -5.27
CA GLN B 47 -27.76 7.77 -3.95
C GLN B 47 -26.79 6.67 -3.56
N ILE B 48 -27.16 5.41 -3.81
CA ILE B 48 -26.27 4.30 -3.49
C ILE B 48 -25.00 4.36 -4.32
N THR B 49 -25.11 4.74 -5.59
CA THR B 49 -23.90 4.84 -6.41
C THR B 49 -22.96 5.93 -5.86
N GLY B 50 -23.51 7.06 -5.43
CA GLY B 50 -22.67 8.07 -4.81
C GLY B 50 -21.93 7.50 -3.59
N LYS B 51 -22.63 6.71 -2.78
CA LYS B 51 -21.98 6.05 -1.64
C LYS B 51 -20.83 5.19 -2.13
N LEU B 52 -21.08 4.41 -3.18
CA LEU B 52 -20.07 3.52 -3.74
C LEU B 52 -18.88 4.31 -4.27
N ASN B 53 -19.16 5.38 -5.04
CA ASN B 53 -18.11 6.23 -5.60
C ASN B 53 -17.22 6.86 -4.53
N ARG B 54 -17.76 7.17 -3.34
CA ARG B 54 -16.89 7.66 -2.27
C ARG B 54 -15.88 6.59 -1.84
N LEU B 55 -16.38 5.37 -1.68
CA LEU B 55 -15.61 4.25 -1.17
C LEU B 55 -14.61 3.71 -2.18
N ILE B 56 -14.74 4.03 -3.47
CA ILE B 56 -13.78 3.48 -4.42
C ILE B 56 -12.73 4.52 -4.82
N GLU B 57 -12.71 5.63 -4.09
CA GLU B 57 -11.66 6.64 -4.20
C GLU B 57 -10.28 6.15 -3.81
N LYS B 58 -9.36 6.45 -4.70
CA LYS B 58 -7.97 6.07 -4.71
C LYS B 58 -7.33 7.13 -3.83
N THR B 59 -6.46 6.71 -2.92
CA THR B 59 -5.77 7.66 -2.06
C THR B 59 -4.29 7.67 -2.35
N ASN B 60 -3.82 8.90 -2.57
CA ASN B 60 -2.54 9.18 -3.17
C ASN B 60 -1.65 9.67 -2.04
N GLN B 61 -1.31 8.72 -1.19
CA GLN B 61 -0.37 8.93 -0.10
C GLN B 61 0.51 7.69 -0.15
N GLN B 62 1.80 7.91 -0.20
CA GLN B 62 2.76 6.83 -0.31
C GLN B 62 3.36 6.53 1.06
N PHE B 63 3.50 5.27 1.36
CA PHE B 63 4.18 4.83 2.55
C PHE B 63 5.31 3.94 2.11
N GLU B 64 6.45 4.07 2.78
CA GLU B 64 7.60 3.33 2.32
C GLU B 64 7.96 2.33 3.40
N LEU B 65 8.88 1.45 3.06
CA LEU B 65 9.30 0.41 3.99
C LEU B 65 10.06 1.08 5.13
N ILE B 66 9.76 0.69 6.38
CA ILE B 66 10.55 1.20 7.51
C ILE B 66 11.06 0.09 8.44
N ASP B 67 10.75 -1.19 8.16
CA ASP B 67 11.43 -2.28 8.87
C ASP B 67 11.93 -3.25 7.80
N ASN B 68 12.37 -4.45 8.17
CA ASN B 68 13.01 -5.33 7.19
C ASN B 68 12.65 -6.81 7.34
N GLU B 69 12.16 -7.40 6.26
CA GLU B 69 11.69 -8.77 6.23
C GLU B 69 12.82 -9.79 6.06
N PHE B 70 13.98 -9.39 5.50
CA PHE B 70 15.10 -10.30 5.26
C PHE B 70 16.17 -10.19 6.33
N ASN B 71 16.39 -9.00 6.87
CA ASN B 71 17.39 -8.77 7.91
C ASN B 71 16.68 -7.96 9.00
N GLU B 72 16.16 -8.62 10.05
CA GLU B 72 15.28 -7.91 10.99
C GLU B 72 16.03 -6.71 11.56
N VAL B 73 15.35 -5.57 11.65
CA VAL B 73 15.98 -4.36 12.20
C VAL B 73 16.18 -4.55 13.71
N GLU B 74 16.93 -3.65 14.36
CA GLU B 74 17.17 -3.76 15.81
C GLU B 74 15.87 -3.90 16.58
N LYS B 75 15.96 -4.68 17.68
CA LYS B 75 14.76 -5.21 18.35
C LYS B 75 13.90 -4.07 18.92
N GLN B 76 14.52 -3.13 19.65
CA GLN B 76 13.73 -2.10 20.34
C GLN B 76 12.98 -1.21 19.38
N ILE B 77 13.70 -0.68 18.40
CA ILE B 77 13.05 0.16 17.42
C ILE B 77 12.03 -0.68 16.65
N GLY B 78 12.32 -1.98 16.51
CA GLY B 78 11.37 -2.87 15.86
C GLY B 78 10.10 -3.04 16.65
N ASN B 79 10.20 -3.11 17.98
CA ASN B 79 9.01 -3.22 18.80
C ASN B 79 8.18 -1.94 18.76
N VAL B 80 8.85 -0.79 18.76
CA VAL B 80 8.11 0.46 18.59
C VAL B 80 7.42 0.47 17.23
N ILE B 81 8.16 0.12 16.17
CA ILE B 81 7.53 0.10 14.84
C ILE B 81 6.32 -0.86 14.82
N ASN B 82 6.48 -2.06 15.36
CA ASN B 82 5.37 -3.00 15.34
C ASN B 82 4.21 -2.52 16.22
N TRP B 83 4.53 -1.90 17.33
CA TRP B 83 3.50 -1.39 18.22
C TRP B 83 2.68 -0.30 17.55
N THR B 84 3.36 0.64 16.89
CA THR B 84 2.66 1.68 16.16
C THR B 84 1.77 1.11 15.06
N ARG B 85 2.33 0.22 14.22
CA ARG B 85 1.55 -0.33 13.12
C ARG B 85 0.33 -1.09 13.65
N ASP B 86 0.51 -1.84 14.72
CA ASP B 86 -0.65 -2.55 15.25
C ASP B 86 -1.69 -1.56 15.79
N SER B 87 -1.21 -0.44 16.38
CA SER B 87 -2.12 0.60 16.84
C SER B 87 -2.89 1.21 15.68
N ILE B 88 -2.18 1.52 14.60
CA ILE B 88 -2.85 2.07 13.42
C ILE B 88 -3.84 1.05 12.88
N THR B 89 -3.44 -0.22 12.86
CA THR B 89 -4.35 -1.25 12.38
C THR B 89 -5.61 -1.28 13.21
N GLU B 90 -5.47 -1.20 14.53
CA GLU B 90 -6.64 -1.21 15.40
C GLU B 90 -7.60 -0.09 14.99
N VAL B 91 -7.05 1.09 14.71
CA VAL B 91 -7.84 2.24 14.30
C VAL B 91 -8.57 2.00 12.97
N TRP B 92 -7.87 1.48 11.96
CA TRP B 92 -8.53 1.35 10.65
C TRP B 92 -9.54 0.21 10.61
N SER B 93 -9.30 -0.85 11.37
CA SER B 93 -10.31 -1.89 11.48
C SER B 93 -11.57 -1.32 12.12
N TYR B 94 -11.42 -0.50 13.17
CA TYR B 94 -12.60 0.12 13.77
C TYR B 94 -13.32 0.99 12.74
N ASN B 95 -12.57 1.86 12.05
CA ASN B 95 -13.17 2.76 11.08
C ASN B 95 -13.88 1.99 9.99
N ALA B 96 -13.28 0.89 9.51
CA ALA B 96 -13.91 0.10 8.45
C ALA B 96 -15.21 -0.55 8.93
N GLU B 97 -15.18 -1.16 10.12
CA GLU B 97 -16.37 -1.81 10.67
C GLU B 97 -17.50 -0.81 10.85
N LEU B 98 -17.18 0.32 11.50
CA LEU B 98 -18.18 1.35 11.78
C LEU B 98 -18.72 1.97 10.52
N LEU B 99 -17.83 2.28 9.58
CA LEU B 99 -18.27 2.88 8.32
C LEU B 99 -19.26 2.00 7.60
N VAL B 100 -18.92 0.73 7.46
CA VAL B 100 -19.83 -0.14 6.73
C VAL B 100 -21.12 -0.35 7.50
N ALA B 101 -21.05 -0.48 8.82
CA ALA B 101 -22.27 -0.66 9.60
C ALA B 101 -23.19 0.56 9.46
N MET B 102 -22.60 1.74 9.62
CA MET B 102 -23.38 2.96 9.50
C MET B 102 -23.94 3.11 8.10
N GLU B 103 -23.08 2.93 7.09
CA GLU B 103 -23.51 3.06 5.70
C GLU B 103 -24.61 2.06 5.36
N ASN B 104 -24.53 0.86 5.93
CA ASN B 104 -25.57 -0.11 5.64
C ASN B 104 -26.88 0.29 6.27
N GLN B 105 -26.85 0.73 7.54
CA GLN B 105 -28.06 1.27 8.15
C GLN B 105 -28.68 2.36 7.28
N HIS B 106 -27.86 3.31 6.83
CA HIS B 106 -28.41 4.41 6.05
C HIS B 106 -28.90 3.93 4.69
N THR B 107 -28.21 2.96 4.07
CA THR B 107 -28.67 2.47 2.78
C THR B 107 -30.04 1.80 2.92
N ILE B 108 -30.19 0.92 3.90
CA ILE B 108 -31.48 0.27 4.13
C ILE B 108 -32.56 1.30 4.41
N ASP B 109 -32.26 2.25 5.29
CA ASP B 109 -33.20 3.30 5.66
C ASP B 109 -33.52 4.18 4.46
N LEU B 110 -32.55 4.38 3.58
CA LEU B 110 -32.74 5.23 2.41
C LEU B 110 -33.71 4.60 1.44
N ALA B 111 -33.60 3.29 1.23
CA ALA B 111 -34.54 2.59 0.37
C ALA B 111 -35.96 2.61 0.96
N ASP B 112 -36.07 2.35 2.26
CA ASP B 112 -37.36 2.46 2.96
C ASP B 112 -38.05 3.81 2.76
N SER B 113 -37.31 4.91 2.91
CA SER B 113 -37.89 6.26 2.78
C SER B 113 -38.43 6.54 1.38
N GLU B 114 -37.69 6.16 0.34
CA GLU B 114 -38.11 6.44 -1.03
C GLU B 114 -39.41 5.71 -1.36
N MET B 115 -39.58 4.49 -0.88
CA MET B 115 -40.87 3.82 -0.99
C MET B 115 -42.00 4.66 -0.39
N ASP B 116 -41.78 5.18 0.84
CA ASP B 116 -42.84 5.94 1.51
C ASP B 116 -43.21 7.18 0.71
N LYS B 117 -42.22 7.82 0.07
CA LYS B 117 -42.55 9.00 -0.74
C LYS B 117 -43.41 8.63 -1.94
N LEU B 118 -43.10 7.49 -2.58
CA LEU B 118 -43.91 7.03 -3.69
C LEU B 118 -45.33 6.75 -3.23
N TYR B 119 -45.47 6.03 -2.13
CA TYR B 119 -46.79 5.75 -1.59
C TYR B 119 -47.58 7.02 -1.27
N GLU B 120 -46.97 7.95 -0.52
CA GLU B 120 -47.66 9.19 -0.13
C GLU B 120 -47.95 10.11 -1.31
N ARG B 121 -47.04 10.17 -2.29
CA ARG B 121 -47.31 10.95 -3.50
C ARG B 121 -48.57 10.48 -4.17
N VAL B 122 -48.66 9.17 -4.37
CA VAL B 122 -49.81 8.58 -5.04
C VAL B 122 -51.07 8.82 -4.21
N LYS B 123 -50.98 8.62 -2.89
CA LYS B 123 -52.15 8.87 -2.05
C LYS B 123 -52.69 10.27 -2.30
N ARG B 124 -51.80 11.25 -2.34
CA ARG B 124 -52.22 12.62 -2.59
C ARG B 124 -52.67 12.81 -4.03
N GLN B 125 -52.14 12.00 -4.97
CA GLN B 125 -52.69 12.04 -6.33
C GLN B 125 -54.17 11.64 -6.31
N LEU B 126 -54.50 10.58 -5.57
CA LEU B 126 -55.85 10.06 -5.60
C LEU B 126 -56.83 10.92 -4.79
N ARG B 127 -56.32 11.78 -3.91
CA ARG B 127 -57.13 12.70 -3.11
C ARG B 127 -58.25 12.01 -2.36
N GLU B 128 -59.49 12.38 -2.64
CA GLU B 128 -60.63 11.88 -1.92
C GLU B 128 -61.30 10.73 -2.66
N ASN B 129 -60.68 10.23 -3.73
CA ASN B 129 -61.28 9.19 -4.55
C ASN B 129 -60.92 7.78 -4.12
N ALA B 130 -60.08 7.62 -3.09
CA ALA B 130 -59.63 6.31 -2.65
C ALA B 130 -59.30 6.32 -1.16
N GLU B 131 -59.19 5.13 -0.59
CA GLU B 131 -58.77 4.96 0.79
C GLU B 131 -57.69 3.92 0.87
N GLU B 132 -56.75 4.14 1.78
CA GLU B 132 -55.65 3.23 2.03
C GLU B 132 -56.17 2.04 2.82
N ASP B 133 -55.74 0.85 2.42
CA ASP B 133 -56.09 -0.39 3.09
C ASP B 133 -55.15 -0.80 4.20
N GLY B 134 -54.01 -0.12 4.37
CA GLY B 134 -53.08 -0.37 5.45
C GLY B 134 -51.96 -1.32 5.07
N THR B 135 -51.97 -1.86 3.84
CA THR B 135 -50.96 -2.78 3.32
C THR B 135 -50.23 -2.23 2.09
N GLY B 136 -50.37 -0.94 1.79
CA GLY B 136 -49.79 -0.39 0.59
C GLY B 136 -50.71 -0.30 -0.61
N CYS B 137 -51.98 -0.68 -0.48
CA CYS B 137 -52.92 -0.64 -1.59
C CYS B 137 -53.89 0.52 -1.43
N PHE B 138 -54.37 1.03 -2.56
CA PHE B 138 -55.39 2.06 -2.53
C PHE B 138 -56.65 1.42 -3.12
N GLU B 139 -57.68 1.24 -2.31
CA GLU B 139 -58.95 0.81 -2.86
C GLU B 139 -59.59 1.99 -3.57
N ILE B 140 -59.76 1.83 -4.87
CA ILE B 140 -60.26 2.87 -5.74
C ILE B 140 -61.76 2.73 -5.82
N PHE B 141 -62.46 3.78 -5.45
CA PHE B 141 -63.92 3.77 -5.38
C PHE B 141 -64.57 4.28 -6.65
N HIS B 142 -63.96 3.99 -7.79
CA HIS B 142 -64.53 4.27 -9.09
C HIS B 142 -63.90 3.29 -10.08
N LYS B 143 -64.57 3.11 -11.21
CA LYS B 143 -64.05 2.21 -12.22
C LYS B 143 -62.76 2.78 -12.81
N CYS B 144 -61.68 2.00 -12.79
CA CYS B 144 -60.38 2.50 -13.24
C CYS B 144 -59.77 1.51 -14.22
N ASP B 145 -59.94 1.78 -15.52
CA ASP B 145 -59.46 0.86 -16.56
C ASP B 145 -57.93 0.99 -16.72
N ASP B 146 -57.35 0.29 -17.70
CA ASP B 146 -55.89 0.27 -17.86
C ASP B 146 -55.34 1.65 -18.17
N ASP B 147 -56.08 2.47 -18.93
CA ASP B 147 -55.60 3.82 -19.19
C ASP B 147 -55.64 4.63 -17.92
N CYS B 148 -56.65 4.40 -17.09
CA CYS B 148 -56.75 5.09 -15.80
C CYS B 148 -55.60 4.73 -14.86
N MET B 149 -55.30 3.43 -14.69
CA MET B 149 -54.13 3.03 -13.89
C MET B 149 -52.86 3.65 -14.45
N ALA B 150 -52.66 3.55 -15.76
CA ALA B 150 -51.49 4.13 -16.41
C ALA B 150 -51.39 5.62 -16.12
N SER B 151 -52.54 6.29 -16.05
CA SER B 151 -52.56 7.72 -15.75
C SER B 151 -52.10 8.04 -14.32
N ILE B 152 -52.37 7.18 -13.33
CA ILE B 152 -51.80 7.42 -12.01
C ILE B 152 -50.28 7.26 -12.05
N ARG B 153 -49.80 6.25 -12.78
CA ARG B 153 -48.39 5.91 -12.77
C ARG B 153 -47.55 7.02 -13.39
N ASN B 154 -48.03 7.64 -14.47
CA ASN B 154 -47.24 8.69 -15.09
C ASN B 154 -47.72 10.08 -14.67
N ASN B 155 -48.49 10.16 -13.57
CA ASN B 155 -48.84 11.42 -12.91
C ASN B 155 -49.66 12.32 -13.83
N THR B 156 -50.65 11.72 -14.49
CA THR B 156 -51.63 12.46 -15.27
C THR B 156 -53.04 12.20 -14.75
N TYR B 157 -53.18 11.53 -13.61
CA TYR B 157 -54.50 11.28 -13.04
C TYR B 157 -55.12 12.58 -12.53
N ASP B 158 -56.27 12.94 -13.06
CA ASP B 158 -57.00 14.13 -12.62
C ASP B 158 -58.08 13.68 -11.65
N HIS B 159 -57.90 13.96 -10.37
CA HIS B 159 -58.84 13.44 -9.38
C HIS B 159 -60.25 14.00 -9.57
N SER B 160 -60.36 15.28 -9.92
CA SER B 160 -61.67 15.93 -10.10
C SER B 160 -62.55 15.23 -11.14
N LYS B 161 -61.97 14.80 -12.25
CA LYS B 161 -62.67 14.21 -13.39
C LYS B 161 -63.56 13.01 -13.01
N TYR B 162 -63.18 12.30 -11.93
CA TYR B 162 -63.79 11.09 -11.37
C TYR B 162 -64.37 11.33 -9.99
N ARG B 163 -64.26 12.58 -9.54
CA ARG B 163 -64.57 13.01 -8.19
C ARG B 163 -66.01 12.63 -7.86
N GLU B 164 -66.96 12.99 -8.75
CA GLU B 164 -68.36 12.72 -8.45
C GLU B 164 -68.62 11.23 -8.18
N GLU B 165 -68.15 10.33 -9.06
CA GLU B 165 -68.36 8.90 -8.80
C GLU B 165 -67.60 8.37 -7.58
N ALA B 166 -66.31 8.66 -7.41
CA ALA B 166 -65.63 8.00 -6.29
C ALA B 166 -66.36 8.37 -5.01
N MET B 167 -66.64 9.67 -4.84
CA MET B 167 -67.46 10.08 -3.70
C MET B 167 -68.84 9.43 -3.73
N GLN B 168 -69.40 9.29 -4.91
CA GLN B 168 -70.73 8.73 -5.03
C GLN B 168 -70.80 7.34 -4.45
N ASN B 169 -69.67 6.63 -4.47
CA ASN B 169 -69.52 5.30 -3.93
C ASN B 169 -69.06 5.22 -2.46
N ARG B 170 -68.42 6.26 -1.90
CA ARG B 170 -67.95 6.08 -0.53
C ARG B 170 -69.05 6.32 0.51
N ILE B 171 -70.19 6.90 0.12
CA ILE B 171 -71.35 7.09 1.03
C ILE B 171 -72.61 6.48 0.41
C1 NAG C . 29.54 26.86 -3.40
C2 NAG C . 28.22 27.65 -3.55
C3 NAG C . 28.17 28.36 -4.91
C4 NAG C . 29.42 29.20 -5.13
C5 NAG C . 30.66 28.32 -5.00
C6 NAG C . 31.96 29.09 -5.17
C7 NAG C . 26.58 26.41 -2.20
C8 NAG C . 25.38 25.50 -2.25
N2 NAG C . 27.07 26.78 -3.38
O3 NAG C . 27.00 29.16 -4.99
O4 NAG C . 29.40 29.82 -6.42
O5 NAG C . 30.68 27.73 -3.68
O6 NAG C . 33.09 28.23 -5.17
O7 NAG C . 27.06 26.78 -1.13
C1 NAG D . -24.83 -6.10 -6.98
C2 NAG D . -24.90 -5.92 -8.52
C3 NAG D . -23.50 -5.98 -9.12
C4 NAG D . -22.62 -4.85 -8.61
C5 NAG D . -22.30 -5.14 -7.17
C6 NAG D . -21.77 -3.93 -6.46
C7 NAG D . -27.04 -6.97 -9.22
C8 NAG D . -27.62 -8.23 -9.81
N2 NAG D . -25.72 -7.00 -9.05
O3 NAG D . -23.53 -5.94 -10.53
O4 NAG D . -21.42 -4.76 -9.38
O5 NAG D . -23.45 -5.59 -6.42
O6 NAG D . -22.63 -2.82 -6.66
O7 NAG D . -27.73 -5.99 -8.98
C1 SIA E . 43.34 -14.27 0.63
C2 SIA E . 44.66 -14.42 1.52
C3 SIA E . 45.88 -13.96 0.69
C4 SIA E . 45.73 -12.51 0.23
C5 SIA E . 45.74 -11.59 1.46
C6 SIA E . 44.64 -12.06 2.47
C7 SIA E . 44.85 -11.45 3.89
C8 SIA E . 43.59 -11.62 4.78
C9 SIA E . 43.56 -10.57 5.89
C10 SIA E . 46.47 -9.19 1.12
C11 SIA E . 45.95 -7.85 0.63
N5 SIA E . 45.54 -10.19 1.07
O1A SIA E . 43.43 -14.40 -0.62
O1B SIA E . 42.33 -14.03 1.32
O4 SIA E . 46.77 -12.07 -0.68
O6 SIA E . 44.59 -13.49 2.67
O7 SIA E . 46.01 -11.99 4.52
O8 SIA E . 42.41 -11.58 3.97
O9 SIA E . 42.92 -11.13 7.04
O10 SIA E . 47.63 -9.30 1.51
C MOH F . 45.08 -16.21 3.64
O MOH F . 44.82 -15.39 2.48
C1 NAG G . 7.49 -7.21 13.75
C2 NAG G . 8.48 -8.16 14.50
C3 NAG G . 8.82 -9.43 13.66
C4 NAG G . 7.57 -10.11 13.10
C5 NAG G . 6.86 -9.07 12.25
C6 NAG G . 5.65 -9.60 11.52
C7 NAG G . 10.40 -7.58 15.93
C8 NAG G . 11.63 -6.73 16.07
N2 NAG G . 9.70 -7.41 14.81
O3 NAG G . 9.57 -10.31 14.51
O4 NAG G . 7.85 -11.32 12.39
O5 NAG G . 6.41 -8.01 13.10
O6 NAG G . 4.49 -9.46 12.33
O7 NAG G . 10.07 -8.40 16.77
#